data_2V66
#
_entry.id   2V66
#
_cell.length_a   46.431
_cell.length_b   73.221
_cell.length_c   69.026
_cell.angle_alpha   90.00
_cell.angle_beta   105.40
_cell.angle_gamma   90.00
#
_symmetry.space_group_name_H-M   'P 1 21 1'
#
loop_
_entity.id
_entity.type
_entity.pdbx_description
1 polymer 'NUCLEAR DISTRIBUTION PROTEIN NUDE-LIKE 1'
2 non-polymer 'MERCURY (II) ION'
3 water water
#
_entity_poly.entity_id   1
_entity_poly.type   'polypeptide(L)'
_entity_poly.pdbx_seq_one_letter_code
;AEQRNRDLQADNQRLKYEVEALKEKLEHQYAQSYKQVSVLEDDLSQTRAIKEQLHKYVRELEQANDDLERAKRATIVSLE
DFEQRLNQAIERNAFLESELDEKESLLVSVQ
;
_entity_poly.pdbx_strand_id   B,C,D,E
#
loop_
_chem_comp.id
_chem_comp.type
_chem_comp.name
_chem_comp.formula
HG non-polymer 'MERCURY (II) ION' 'Hg 2'
#
# COMPACT_ATOMS: atom_id res chain seq x y z
N ALA A 1 -67.14 -79.51 27.92
CA ALA A 1 -66.10 -80.12 27.03
C ALA A 1 -66.31 -79.69 25.54
N GLU A 2 -67.54 -79.87 25.06
CA GLU A 2 -67.95 -79.30 23.79
C GLU A 2 -68.09 -77.80 23.89
N GLN A 3 -68.58 -77.26 25.02
CA GLN A 3 -68.59 -75.80 25.17
C GLN A 3 -67.21 -75.25 25.03
N ARG A 4 -66.30 -75.92 25.69
CA ARG A 4 -64.94 -75.49 25.79
C ARG A 4 -64.30 -75.56 24.38
N ASN A 5 -64.56 -76.66 23.66
CA ASN A 5 -64.04 -76.78 22.31
C ASN A 5 -64.52 -75.61 21.44
N ARG A 6 -65.84 -75.35 21.44
CA ARG A 6 -66.43 -74.25 20.70
C ARG A 6 -65.67 -73.00 20.97
N ASP A 7 -65.45 -72.69 22.24
CA ASP A 7 -64.89 -71.38 22.55
C ASP A 7 -63.40 -71.36 22.32
N LEU A 8 -62.72 -72.51 22.37
CA LEU A 8 -61.29 -72.56 21.97
C LEU A 8 -61.19 -72.29 20.47
N GLN A 9 -62.18 -72.79 19.71
CA GLN A 9 -62.20 -72.64 18.27
C GLN A 9 -62.39 -71.25 17.90
N ALA A 10 -63.35 -70.58 18.60
CA ALA A 10 -63.59 -69.16 18.44
C ALA A 10 -62.36 -68.28 18.80
N ASP A 11 -61.74 -68.53 19.95
CA ASP A 11 -60.50 -67.79 20.29
C ASP A 11 -59.35 -68.15 19.33
N ASN A 12 -59.23 -69.37 18.89
CA ASN A 12 -58.20 -69.70 17.87
C ASN A 12 -58.33 -68.80 16.60
N GLN A 13 -59.54 -68.72 16.05
CA GLN A 13 -59.75 -67.90 14.84
C GLN A 13 -59.51 -66.41 15.14
N ARG A 14 -60.08 -65.87 16.21
CA ARG A 14 -59.72 -64.49 16.61
C ARG A 14 -58.19 -64.24 16.60
N LEU A 15 -57.41 -65.10 17.26
CA LEU A 15 -56.00 -64.78 17.49
C LEU A 15 -55.23 -64.93 16.15
N LYS A 16 -55.60 -65.88 15.30
CA LYS A 16 -54.98 -66.04 13.97
C LYS A 16 -55.15 -64.79 13.13
N TYR A 17 -56.36 -64.27 13.08
CA TYR A 17 -56.61 -62.96 12.42
C TYR A 17 -55.87 -61.79 13.09
N GLU A 18 -55.79 -61.80 14.41
CA GLU A 18 -54.97 -60.74 15.06
C GLU A 18 -53.52 -60.85 14.64
N VAL A 19 -52.94 -62.02 14.71
CA VAL A 19 -51.56 -62.21 14.25
C VAL A 19 -51.37 -61.69 12.79
N GLU A 20 -52.29 -62.10 11.87
CA GLU A 20 -52.24 -61.63 10.48
C GLU A 20 -52.27 -60.11 10.37
N ALA A 21 -53.18 -59.46 11.12
CA ALA A 21 -53.24 -57.99 11.12
C ALA A 21 -51.93 -57.37 11.59
N LEU A 22 -51.39 -57.82 12.70
CA LEU A 22 -50.10 -57.28 13.19
C LEU A 22 -48.93 -57.50 12.28
N LYS A 23 -48.78 -58.69 11.69
CA LYS A 23 -47.72 -58.95 10.70
C LYS A 23 -47.81 -57.97 9.52
N GLU A 24 -49.01 -57.54 9.21
CA GLU A 24 -49.17 -56.47 8.25
C GLU A 24 -48.80 -55.07 8.72
N LYS A 25 -49.20 -54.63 9.92
CA LYS A 25 -48.70 -53.35 10.48
C LYS A 25 -47.17 -53.36 10.55
N LEU A 26 -46.58 -54.48 10.92
CA LEU A 26 -45.15 -54.55 11.07
C LEU A 26 -44.39 -54.36 9.74
N GLU A 27 -44.89 -54.98 8.66
CA GLU A 27 -44.39 -54.82 7.28
C GLU A 27 -44.48 -53.35 6.81
N HIS A 28 -45.64 -52.69 6.94
CA HIS A 28 -45.72 -51.22 6.70
C HIS A 28 -44.66 -50.46 7.54
N GLN A 29 -44.65 -50.66 8.86
CA GLN A 29 -43.72 -49.95 9.76
C GLN A 29 -42.27 -50.15 9.29
N TYR A 30 -41.94 -51.36 8.87
CA TYR A 30 -40.62 -51.70 8.31
C TYR A 30 -40.25 -50.91 7.04
N ALA A 31 -41.06 -51.08 5.99
CA ALA A 31 -40.88 -50.31 4.76
C ALA A 31 -40.63 -48.84 5.09
N GLN A 32 -41.37 -48.33 6.06
CA GLN A 32 -41.25 -46.95 6.53
C GLN A 32 -39.83 -46.69 7.01
N SER A 33 -39.37 -47.53 7.94
CA SER A 33 -38.16 -47.28 8.63
C SER A 33 -36.94 -47.43 7.75
N TYR A 34 -37.03 -48.30 6.72
CA TYR A 34 -35.97 -48.49 5.75
C TYR A 34 -35.74 -47.22 4.91
N LYS A 35 -36.85 -46.57 4.59
CA LYS A 35 -36.91 -45.31 3.87
C LYS A 35 -36.31 -44.16 4.70
N GLN A 36 -36.71 -44.06 5.96
CA GLN A 36 -36.07 -43.14 6.90
C GLN A 36 -34.56 -43.37 7.08
N VAL A 37 -34.16 -44.63 7.17
CA VAL A 37 -32.81 -44.91 7.44
C VAL A 37 -32.00 -44.60 6.19
N SER A 38 -32.58 -44.84 5.03
CA SER A 38 -31.99 -44.37 3.77
C SER A 38 -31.54 -42.89 3.83
N VAL A 39 -32.46 -42.01 4.21
CA VAL A 39 -32.11 -40.62 4.29
C VAL A 39 -31.15 -40.27 5.43
N LEU A 40 -31.25 -40.96 6.56
CA LEU A 40 -30.34 -40.78 7.67
C LEU A 40 -28.90 -41.04 7.18
N GLU A 41 -28.70 -42.19 6.51
CA GLU A 41 -27.42 -42.53 5.91
C GLU A 41 -26.95 -41.49 4.88
N ASP A 42 -27.82 -41.00 4.00
CA ASP A 42 -27.51 -39.92 3.08
C ASP A 42 -27.13 -38.66 3.89
N ASP A 43 -27.87 -38.42 4.96
CA ASP A 43 -27.58 -37.26 5.76
C ASP A 43 -26.19 -37.39 6.45
N LEU A 44 -25.83 -38.59 6.88
CA LEU A 44 -24.53 -38.76 7.44
C LEU A 44 -23.40 -38.50 6.46
N SER A 45 -23.48 -39.13 5.27
CA SER A 45 -22.54 -38.87 4.20
C SER A 45 -22.39 -37.37 3.92
N GLN A 46 -23.50 -36.71 3.69
CA GLN A 46 -23.44 -35.31 3.26
C GLN A 46 -22.95 -34.43 4.34
N THR A 47 -23.27 -34.79 5.59
CA THR A 47 -22.85 -34.01 6.73
C THR A 47 -21.30 -34.06 6.92
N ARG A 48 -20.73 -35.27 6.84
CA ARG A 48 -19.29 -35.44 7.03
C ARG A 48 -18.53 -34.70 5.89
N ALA A 49 -19.09 -34.76 4.67
CA ALA A 49 -18.59 -33.97 3.56
C ALA A 49 -18.60 -32.48 3.86
N ILE A 50 -19.71 -31.96 4.39
CA ILE A 50 -19.79 -30.53 4.78
C ILE A 50 -18.83 -30.18 5.94
N LYS A 51 -18.72 -31.06 6.91
CA LYS A 51 -17.75 -30.84 8.02
C LYS A 51 -16.31 -30.76 7.45
N GLU A 52 -15.95 -31.60 6.48
CA GLU A 52 -14.55 -31.50 5.89
C GLU A 52 -14.35 -30.25 5.07
N GLN A 53 -15.41 -29.80 4.39
CA GLN A 53 -15.32 -28.53 3.66
C GLN A 53 -15.12 -27.36 4.64
N LEU A 54 -15.90 -27.33 5.73
CA LEU A 54 -15.75 -26.26 6.74
C LEU A 54 -14.32 -26.24 7.31
N HIS A 55 -13.72 -27.40 7.46
CA HIS A 55 -12.38 -27.51 8.03
C HIS A 55 -11.42 -26.94 7.01
N LYS A 56 -11.62 -27.26 5.74
CA LYS A 56 -10.76 -26.67 4.69
C LYS A 56 -10.98 -25.20 4.64
N TYR A 57 -12.22 -24.77 4.85
CA TYR A 57 -12.56 -23.32 4.86
C TYR A 57 -11.77 -22.59 5.97
N VAL A 58 -11.68 -23.20 7.15
CA VAL A 58 -10.92 -22.56 8.23
C VAL A 58 -9.45 -22.49 7.88
N ARG A 59 -8.89 -23.61 7.43
CA ARG A 59 -7.52 -23.57 6.98
C ARG A 59 -7.25 -22.44 5.96
N GLU A 60 -8.12 -22.31 4.96
CA GLU A 60 -7.98 -21.26 3.90
C GLU A 60 -8.08 -19.84 4.41
N LEU A 61 -8.88 -19.59 5.43
CA LEU A 61 -8.98 -18.25 5.97
C LEU A 61 -7.71 -17.90 6.68
N GLU A 62 -7.11 -18.92 7.30
CA GLU A 62 -5.83 -18.84 7.99
C GLU A 62 -4.74 -18.49 7.02
N GLN A 63 -4.69 -19.18 5.87
CA GLN A 63 -3.75 -18.85 4.83
C GLN A 63 -3.92 -17.43 4.28
N ALA A 64 -5.17 -16.99 4.10
CA ALA A 64 -5.42 -15.59 3.66
C ALA A 64 -4.88 -14.57 4.68
N ASN A 65 -5.07 -14.89 5.96
CA ASN A 65 -4.59 -14.06 7.09
C ASN A 65 -3.03 -14.01 7.11
N ASP A 66 -2.35 -15.13 6.92
CA ASP A 66 -0.89 -15.12 6.62
C ASP A 66 -0.47 -14.26 5.42
N ASP A 67 -1.13 -14.43 4.27
CA ASP A 67 -0.86 -13.56 3.11
C ASP A 67 -1.16 -12.05 3.39
N LEU A 68 -2.18 -11.77 4.15
CA LEU A 68 -2.47 -10.41 4.49
C LEU A 68 -1.31 -9.76 5.26
N GLU A 69 -0.89 -10.46 6.32
CA GLU A 69 0.34 -10.23 7.10
C GLU A 69 1.57 -9.90 6.23
N ARG A 70 1.88 -10.80 5.30
CA ARG A 70 2.94 -10.66 4.33
C ARG A 70 2.80 -9.41 3.45
N ALA A 71 1.58 -9.13 2.99
CA ALA A 71 1.30 -7.94 2.22
C ALA A 71 1.67 -6.71 3.04
N LYS A 72 1.16 -6.67 4.28
CA LYS A 72 1.42 -5.56 5.20
C LYS A 72 2.92 -5.32 5.36
N ARG A 73 3.68 -6.36 5.66
CA ARG A 73 5.15 -6.27 5.77
C ARG A 73 5.86 -5.89 4.44
N ALA A 74 5.40 -6.46 3.32
CA ALA A 74 6.00 -6.10 2.03
C ALA A 74 5.83 -4.64 1.67
N THR A 75 4.68 -4.04 1.94
CA THR A 75 4.47 -2.64 1.56
C THR A 75 5.26 -1.66 2.45
N ILE A 76 5.31 -1.95 3.75
CA ILE A 76 5.97 -1.09 4.72
C ILE A 76 7.47 -1.04 4.54
N VAL A 77 8.09 -2.21 4.37
CA VAL A 77 9.49 -2.36 4.15
C VAL A 77 9.86 -1.72 2.80
N SER A 78 9.14 -2.06 1.73
CA SER A 78 9.37 -1.41 0.41
C SER A 78 9.26 0.11 0.51
N LEU A 79 8.28 0.60 1.25
CA LEU A 79 8.19 2.05 1.37
C LEU A 79 9.29 2.66 2.23
N GLU A 80 9.82 1.87 3.16
CA GLU A 80 10.96 2.27 4.05
C GLU A 80 12.31 2.47 3.36
N ASP A 81 12.68 1.51 2.50
CA ASP A 81 13.84 1.63 1.59
C ASP A 81 13.75 2.85 0.62
N PHE A 82 12.61 3.04 -0.04
CA PHE A 82 12.35 4.29 -0.74
C PHE A 82 12.69 5.58 0.09
N GLU A 83 12.15 5.69 1.30
CA GLU A 83 12.39 6.81 2.21
C GLU A 83 13.83 7.04 2.52
N GLN A 84 14.64 5.98 2.61
CA GLN A 84 16.01 6.17 2.95
C GLN A 84 16.69 6.75 1.70
N ARG A 85 16.17 6.40 0.54
CA ARG A 85 16.69 7.00 -0.65
C ARG A 85 16.29 8.47 -0.77
N LEU A 86 15.04 8.82 -0.46
CA LEU A 86 14.62 10.19 -0.59
C LEU A 86 15.33 10.99 0.49
N ASN A 87 15.67 10.34 1.60
CA ASN A 87 16.31 11.12 2.65
C ASN A 87 17.71 11.48 2.25
N GLN A 88 18.37 10.58 1.51
CA GLN A 88 19.68 10.89 0.92
C GLN A 88 19.66 12.09 -0.07
N ALA A 89 18.62 12.16 -0.95
CA ALA A 89 18.32 13.34 -1.83
C ALA A 89 18.04 14.63 -1.05
N ILE A 90 17.09 14.59 -0.10
CA ILE A 90 16.84 15.74 0.78
C ILE A 90 18.14 16.16 1.47
N GLU A 91 18.94 15.21 1.94
CA GLU A 91 20.22 15.63 2.58
C GLU A 91 21.17 16.35 1.59
N ARG A 92 21.26 15.85 0.39
CA ARG A 92 22.09 16.48 -0.63
C ARG A 92 21.55 17.88 -0.96
N ASN A 93 20.24 18.01 -1.06
CA ASN A 93 19.67 19.28 -1.25
C ASN A 93 20.05 20.30 -0.15
N ALA A 94 20.12 19.86 1.12
CA ALA A 94 20.42 20.77 2.23
C ALA A 94 21.89 21.22 2.11
N PHE A 95 22.76 20.31 1.68
CA PHE A 95 24.11 20.72 1.37
C PHE A 95 24.22 21.79 0.22
N LEU A 96 23.53 21.56 -0.91
CA LEU A 96 23.43 22.48 -2.05
C LEU A 96 23.04 23.81 -1.56
N GLU A 97 22.04 23.81 -0.68
CA GLU A 97 21.60 25.08 -0.13
C GLU A 97 22.69 25.73 0.72
N SER A 98 23.45 24.99 1.54
CA SER A 98 24.50 25.69 2.35
C SER A 98 25.61 26.28 1.47
N GLU A 99 25.95 25.57 0.40
CA GLU A 99 26.94 26.03 -0.55
C GLU A 99 26.46 27.33 -1.25
N LEU A 100 25.20 27.39 -1.59
CA LEU A 100 24.59 28.62 -2.13
C LEU A 100 24.64 29.73 -1.08
N ASP A 101 24.43 29.40 0.19
CA ASP A 101 24.61 30.42 1.26
C ASP A 101 26.03 30.95 1.29
N GLU A 102 27.02 30.08 1.07
CA GLU A 102 28.45 30.50 1.06
C GLU A 102 28.73 31.32 -0.20
N LYS A 103 28.14 30.94 -1.33
CA LYS A 103 28.36 31.74 -2.55
C LYS A 103 27.76 33.11 -2.34
N GLU A 104 26.57 33.14 -1.73
CA GLU A 104 25.88 34.34 -1.46
C GLU A 104 26.72 35.22 -0.55
N SER A 105 27.33 34.62 0.49
CA SER A 105 28.21 35.39 1.43
C SER A 105 29.36 36.00 0.68
N LEU A 106 29.90 35.23 -0.26
CA LEU A 106 30.98 35.74 -1.14
C LEU A 106 30.55 36.98 -1.97
N LEU A 107 29.49 36.82 -2.73
CA LEU A 107 29.00 37.87 -3.63
C LEU A 107 28.51 39.12 -2.90
N VAL A 108 27.87 38.97 -1.74
CA VAL A 108 27.42 40.12 -1.01
C VAL A 108 28.54 41.01 -0.40
N SER A 109 29.78 40.52 -0.36
CA SER A 109 30.88 41.31 0.18
C SER A 109 31.45 42.33 -0.85
N VAL A 110 31.15 42.10 -2.14
CA VAL A 110 31.64 42.91 -3.25
C VAL A 110 31.29 44.41 -3.22
N GLN A 111 32.30 45.23 -3.59
CA GLN A 111 32.11 46.63 -4.06
C GLN A 111 33.12 46.91 -5.19
N ALA B 1 66.44 80.66 -23.01
CA ALA B 1 66.28 81.99 -23.66
C ALA B 1 64.97 81.87 -24.47
N GLU B 2 65.03 81.87 -25.81
CA GLU B 2 63.96 81.24 -26.60
C GLU B 2 64.17 79.70 -26.55
N GLN B 3 65.41 79.30 -26.31
CA GLN B 3 65.81 77.90 -26.08
C GLN B 3 65.03 77.28 -24.91
N ARG B 4 64.94 78.02 -23.80
CA ARG B 4 64.07 77.63 -22.71
C ARG B 4 62.56 77.53 -23.08
N ASN B 5 62.07 78.49 -23.85
CA ASN B 5 60.68 78.50 -24.26
C ASN B 5 60.35 77.29 -25.09
N ARG B 6 61.18 76.95 -26.08
CA ARG B 6 61.02 75.65 -26.76
C ARG B 6 61.05 74.50 -25.75
N ASP B 7 62.08 74.49 -24.90
CA ASP B 7 62.23 73.51 -23.82
C ASP B 7 60.92 73.26 -23.02
N LEU B 8 60.31 74.34 -22.56
CA LEU B 8 59.09 74.26 -21.75
C LEU B 8 57.95 73.70 -22.60
N GLN B 9 57.95 74.06 -23.86
CA GLN B 9 56.98 73.55 -24.82
C GLN B 9 57.10 72.04 -25.05
N ALA B 10 58.33 71.53 -25.17
CA ALA B 10 58.52 70.09 -25.32
C ALA B 10 57.93 69.39 -24.09
N ASP B 11 58.15 69.97 -22.91
CA ASP B 11 57.56 69.46 -21.66
C ASP B 11 56.05 69.60 -21.62
N ASN B 12 55.51 70.78 -22.01
CA ASN B 12 54.05 70.98 -22.15
C ASN B 12 53.40 69.90 -23.02
N GLN B 13 53.72 69.85 -24.32
CA GLN B 13 53.25 68.75 -25.20
C GLN B 13 53.45 67.32 -24.62
N ARG B 14 54.57 67.11 -23.95
CA ARG B 14 54.89 65.83 -23.36
C ARG B 14 53.91 65.53 -22.22
N LEU B 15 53.44 66.58 -21.55
CA LEU B 15 52.45 66.44 -20.47
C LEU B 15 51.00 66.37 -20.91
N LYS B 16 50.65 66.96 -22.05
CA LYS B 16 49.26 66.88 -22.47
C LYS B 16 48.96 65.50 -22.96
N TYR B 17 49.98 64.85 -23.52
CA TYR B 17 49.77 63.52 -24.02
C TYR B 17 49.90 62.42 -22.98
N GLU B 18 50.53 62.77 -21.86
CA GLU B 18 50.51 61.95 -20.67
C GLU B 18 49.11 62.00 -20.04
N VAL B 19 48.56 63.19 -19.89
CA VAL B 19 47.18 63.34 -19.43
C VAL B 19 46.16 62.53 -20.30
N GLU B 20 46.38 62.54 -21.61
CA GLU B 20 45.56 61.77 -22.57
C GLU B 20 45.71 60.29 -22.37
N ALA B 21 46.94 59.80 -22.24
CA ALA B 21 47.17 58.38 -22.14
C ALA B 21 46.58 57.83 -20.84
N LEU B 22 46.62 58.64 -19.80
CA LEU B 22 46.09 58.29 -18.45
C LEU B 22 44.56 58.23 -18.43
N LYS B 23 43.91 59.26 -18.97
CA LYS B 23 42.45 59.36 -19.15
C LYS B 23 41.91 58.19 -19.94
N GLU B 24 42.65 57.67 -20.89
CA GLU B 24 42.16 56.53 -21.61
C GLU B 24 42.40 55.20 -20.88
N LYS B 25 43.54 55.03 -20.23
CA LYS B 25 43.70 53.86 -19.34
C LYS B 25 42.59 53.86 -18.28
N LEU B 26 42.24 55.03 -17.76
CA LEU B 26 41.15 55.11 -16.76
C LEU B 26 39.79 54.68 -17.38
N GLU B 27 39.54 55.12 -18.59
CA GLU B 27 38.36 54.72 -19.26
C GLU B 27 38.27 53.21 -19.47
N HIS B 28 39.34 52.58 -19.93
CA HIS B 28 39.32 51.12 -20.13
C HIS B 28 39.16 50.37 -18.82
N GLN B 29 39.69 50.92 -17.75
CA GLN B 29 39.58 50.28 -16.43
C GLN B 29 38.18 50.32 -15.89
N TYR B 30 37.46 51.39 -16.21
CA TYR B 30 36.04 51.51 -15.84
C TYR B 30 35.12 50.64 -16.71
N ALA B 31 35.30 50.63 -18.04
CA ALA B 31 34.59 49.65 -18.84
C ALA B 31 34.80 48.32 -18.10
N GLN B 32 36.06 47.91 -17.91
CA GLN B 32 36.38 46.57 -17.35
C GLN B 32 35.71 46.34 -16.04
N SER B 33 35.93 47.26 -15.09
CA SER B 33 35.42 47.10 -13.72
C SER B 33 33.91 46.99 -13.60
N TYR B 34 33.23 47.71 -14.51
CA TYR B 34 31.78 47.65 -14.59
C TYR B 34 31.27 46.30 -15.02
N LYS B 35 31.83 45.77 -16.13
CA LYS B 35 31.64 44.41 -16.58
C LYS B 35 31.83 43.39 -15.43
N GLN B 36 32.85 43.56 -14.60
CA GLN B 36 33.07 42.60 -13.49
C GLN B 36 31.98 42.73 -12.42
N VAL B 37 31.80 43.93 -11.86
CA VAL B 37 30.75 44.18 -10.88
C VAL B 37 29.33 43.89 -11.40
N SER B 38 29.09 44.18 -12.65
CA SER B 38 27.81 43.79 -13.22
C SER B 38 27.61 42.24 -13.09
N VAL B 39 28.64 41.46 -13.43
CA VAL B 39 28.49 40.01 -13.43
C VAL B 39 28.30 39.54 -11.98
N LEU B 40 29.07 40.10 -11.05
CA LEU B 40 28.97 39.71 -9.65
C LEU B 40 27.60 40.05 -9.03
N GLU B 41 27.00 41.15 -9.45
CA GLU B 41 25.74 41.60 -8.82
C GLU B 41 24.59 40.71 -9.30
N ASP B 42 24.56 40.51 -10.63
CA ASP B 42 23.61 39.60 -11.27
C ASP B 42 23.72 38.21 -10.67
N ASP B 43 24.93 37.76 -10.35
CA ASP B 43 25.14 36.42 -9.79
C ASP B 43 24.60 36.34 -8.41
N LEU B 44 24.74 37.43 -7.67
CA LEU B 44 24.22 37.44 -6.32
C LEU B 44 22.69 37.37 -6.34
N SER B 45 22.08 38.15 -7.21
CA SER B 45 20.63 38.08 -7.41
C SER B 45 20.13 36.71 -7.93
N GLN B 46 20.84 36.11 -8.89
CA GLN B 46 20.53 34.78 -9.40
C GLN B 46 20.72 33.67 -8.37
N THR B 47 21.76 33.78 -7.56
CA THR B 47 22.03 32.82 -6.53
C THR B 47 20.91 32.75 -5.49
N ARG B 48 20.45 33.89 -5.01
CA ARG B 48 19.29 33.96 -4.08
C ARG B 48 18.01 33.34 -4.70
N ALA B 49 17.77 33.62 -5.96
CA ALA B 49 16.65 33.06 -6.70
C ALA B 49 16.79 31.56 -6.81
N ILE B 50 17.97 31.04 -7.13
CA ILE B 50 18.16 29.58 -7.23
C ILE B 50 17.95 28.92 -5.85
N LYS B 51 18.49 29.53 -4.79
CA LYS B 51 18.23 29.03 -3.43
C LYS B 51 16.72 28.96 -3.06
N GLU B 52 15.95 30.01 -3.37
CA GLU B 52 14.47 29.98 -3.22
C GLU B 52 13.83 28.85 -3.96
N GLN B 53 14.15 28.70 -5.26
CA GLN B 53 13.59 27.62 -6.06
C GLN B 53 13.90 26.24 -5.47
N LEU B 54 15.16 26.00 -5.12
CA LEU B 54 15.52 24.66 -4.57
C LEU B 54 14.75 24.40 -3.32
N HIS B 55 14.59 25.43 -2.50
CA HIS B 55 13.90 25.23 -1.25
C HIS B 55 12.39 24.92 -1.48
N LYS B 56 11.69 25.70 -2.31
CA LYS B 56 10.28 25.46 -2.64
C LYS B 56 10.05 24.04 -3.18
N TYR B 57 10.93 23.63 -4.09
CA TYR B 57 10.85 22.31 -4.68
C TYR B 57 11.20 21.16 -3.76
N VAL B 58 12.17 21.26 -2.85
CA VAL B 58 12.33 20.16 -1.89
C VAL B 58 11.09 20.06 -0.96
N ARG B 59 10.53 21.21 -0.55
CA ARG B 59 9.32 21.21 0.24
C ARG B 59 8.08 20.56 -0.49
N GLU B 60 8.01 20.66 -1.83
CA GLU B 60 7.00 19.87 -2.57
C GLU B 60 7.21 18.36 -2.44
N LEU B 61 8.46 17.91 -2.43
CA LEU B 61 8.74 16.48 -2.37
C LEU B 61 8.38 15.98 -0.99
N GLU B 62 8.74 16.78 0.00
CA GLU B 62 8.45 16.45 1.37
C GLU B 62 6.92 16.40 1.64
N GLN B 63 6.16 17.33 1.08
CA GLN B 63 4.70 17.32 1.10
C GLN B 63 4.12 16.06 0.43
N ALA B 64 4.67 15.71 -0.73
CA ALA B 64 4.24 14.51 -1.48
C ALA B 64 4.49 13.28 -0.64
N ASN B 65 5.61 13.26 0.05
CA ASN B 65 5.97 12.18 0.99
C ASN B 65 4.99 12.08 2.15
N ASP B 66 4.73 13.17 2.87
CA ASP B 66 3.66 13.18 3.87
C ASP B 66 2.35 12.59 3.31
N ASP B 67 1.92 13.05 2.13
CA ASP B 67 0.70 12.57 1.51
C ASP B 67 0.75 11.03 1.25
N LEU B 68 1.91 10.51 0.88
CA LEU B 68 2.03 9.11 0.61
C LEU B 68 1.99 8.31 1.95
N GLU B 69 2.62 8.90 2.98
CA GLU B 69 2.59 8.33 4.28
C GLU B 69 1.14 8.29 4.81
N ARG B 70 0.42 9.40 4.75
CA ARG B 70 -1.01 9.47 4.98
C ARG B 70 -1.82 8.34 4.28
N ALA B 71 -1.59 8.06 3.00
CA ALA B 71 -2.35 6.98 2.31
C ALA B 71 -1.89 5.57 2.76
N LYS B 72 -0.59 5.43 3.00
CA LYS B 72 -0.03 4.21 3.50
C LYS B 72 -0.65 3.77 4.81
N ARG B 73 -0.71 4.70 5.76
CA ARG B 73 -1.23 4.44 7.08
C ARG B 73 -2.70 4.07 7.04
N ALA B 74 -3.47 4.69 6.13
CA ALA B 74 -4.86 4.34 6.01
C ALA B 74 -4.98 2.92 5.43
N THR B 75 -4.04 2.53 4.57
CA THR B 75 -3.98 1.19 4.04
C THR B 75 -3.69 0.12 5.15
N ILE B 76 -2.67 0.38 5.98
CA ILE B 76 -2.35 -0.45 7.11
C ILE B 76 -3.56 -0.50 8.10
N VAL B 77 -4.23 0.62 8.38
CA VAL B 77 -5.44 0.56 9.24
C VAL B 77 -6.48 -0.41 8.58
N SER B 78 -6.70 -0.23 7.28
CA SER B 78 -7.60 -1.11 6.54
C SER B 78 -7.26 -2.59 6.74
N LEU B 79 -5.99 -2.93 6.54
CA LEU B 79 -5.46 -4.28 6.59
C LEU B 79 -5.58 -4.86 8.03
N GLU B 80 -5.28 -4.06 9.04
CA GLU B 80 -5.39 -4.47 10.43
C GLU B 80 -6.88 -4.74 10.81
N ASP B 81 -7.80 -3.92 10.31
CA ASP B 81 -9.26 -4.18 10.39
C ASP B 81 -9.65 -5.55 9.76
N PHE B 82 -9.04 -5.85 8.64
CA PHE B 82 -9.30 -7.06 7.87
C PHE B 82 -8.73 -8.32 8.58
N GLU B 83 -7.52 -8.24 9.13
CA GLU B 83 -6.99 -9.24 10.08
C GLU B 83 -7.91 -9.58 11.24
N GLN B 84 -8.42 -8.55 11.91
CA GLN B 84 -9.45 -8.76 12.93
C GLN B 84 -10.69 -9.46 12.37
N ARG B 85 -11.15 -9.10 11.17
CA ARG B 85 -12.29 -9.83 10.61
C ARG B 85 -12.04 -11.28 10.17
N LEU B 86 -10.85 -11.58 9.65
CA LEU B 86 -10.43 -12.94 9.39
C LEU B 86 -10.26 -13.82 10.67
N ASN B 87 -9.68 -13.25 11.72
CA ASN B 87 -9.55 -13.88 13.02
C ASN B 87 -10.93 -14.21 13.56
N GLN B 88 -11.92 -13.35 13.31
CA GLN B 88 -13.31 -13.53 13.75
C GLN B 88 -13.97 -14.61 12.96
N ALA B 89 -13.66 -14.66 11.67
CA ALA B 89 -14.16 -15.68 10.72
C ALA B 89 -13.59 -17.05 10.99
N ILE B 90 -12.32 -17.11 11.39
CA ILE B 90 -11.68 -18.38 11.73
C ILE B 90 -12.41 -19.01 12.95
N GLU B 91 -12.66 -18.18 13.95
CA GLU B 91 -13.33 -18.64 15.15
C GLU B 91 -14.81 -19.07 14.91
N ARG B 92 -15.56 -18.31 14.11
CA ARG B 92 -16.97 -18.56 13.83
C ARG B 92 -17.12 -19.90 13.05
N ASN B 93 -16.23 -20.12 12.10
CA ASN B 93 -16.35 -21.27 11.28
C ASN B 93 -15.79 -22.52 11.97
N ALA B 94 -14.84 -22.33 12.87
CA ALA B 94 -14.52 -23.42 13.75
C ALA B 94 -15.72 -23.75 14.70
N PHE B 95 -16.49 -22.75 15.12
CA PHE B 95 -17.73 -23.02 15.89
C PHE B 95 -18.72 -23.89 15.09
N LEU B 96 -18.97 -23.53 13.84
CA LEU B 96 -19.86 -24.27 12.96
C LEU B 96 -19.44 -25.69 12.72
N GLU B 97 -18.13 -25.89 12.57
CA GLU B 97 -17.51 -27.18 12.35
C GLU B 97 -17.82 -28.06 13.57
N SER B 98 -17.72 -27.45 14.74
CA SER B 98 -18.02 -28.19 15.95
C SER B 98 -19.50 -28.67 15.99
N GLU B 99 -20.42 -27.80 15.56
CA GLU B 99 -21.84 -28.09 15.47
C GLU B 99 -22.15 -29.28 14.55
N LEU B 100 -21.49 -29.27 13.40
CA LEU B 100 -21.53 -30.39 12.48
C LEU B 100 -20.97 -31.65 13.01
N ASP B 101 -19.89 -31.61 13.79
CA ASP B 101 -19.40 -32.82 14.46
C ASP B 101 -20.39 -33.38 15.48
N GLU B 102 -21.06 -32.49 16.20
CA GLU B 102 -22.05 -32.87 17.17
C GLU B 102 -23.27 -33.47 16.49
N LYS B 103 -23.63 -32.98 15.32
CA LYS B 103 -24.74 -33.48 14.56
C LYS B 103 -24.42 -34.87 14.01
N GLU B 104 -23.19 -35.04 13.56
CA GLU B 104 -22.77 -36.31 13.05
C GLU B 104 -22.89 -37.37 14.14
N SER B 105 -22.42 -37.04 15.33
CA SER B 105 -22.52 -37.93 16.49
C SER B 105 -23.98 -38.32 16.75
N LEU B 106 -24.87 -37.33 16.76
CA LEU B 106 -26.30 -37.57 16.99
C LEU B 106 -26.91 -38.43 15.92
N LEU B 107 -26.60 -38.18 14.63
CA LEU B 107 -27.07 -39.07 13.55
C LEU B 107 -26.57 -40.52 13.66
N VAL B 108 -25.32 -40.70 14.06
CA VAL B 108 -24.76 -42.04 14.36
C VAL B 108 -25.59 -42.71 15.49
N SER B 109 -25.75 -41.97 16.60
CA SER B 109 -26.38 -42.51 17.81
C SER B 109 -27.78 -43.05 17.52
N VAL B 110 -28.47 -42.46 16.55
CA VAL B 110 -29.87 -42.73 16.34
C VAL B 110 -30.13 -43.88 15.39
N GLN B 111 -29.12 -44.36 14.70
CA GLN B 111 -29.26 -45.64 14.00
C GLN B 111 -29.50 -46.85 14.91
N ALA C 1 59.44 86.84 -24.77
CA ALA C 1 59.55 85.35 -24.55
C ALA C 1 59.42 85.05 -23.06
N GLU C 2 59.73 86.07 -22.25
CA GLU C 2 59.70 85.97 -20.78
C GLU C 2 58.27 85.90 -20.25
N GLN C 3 57.39 86.71 -20.89
CA GLN C 3 55.95 86.61 -20.63
C GLN C 3 55.47 85.20 -20.85
N ARG C 4 55.97 84.60 -21.94
CA ARG C 4 55.67 83.22 -22.30
C ARG C 4 56.28 82.15 -21.35
N ASN C 5 57.42 82.44 -20.68
CA ASN C 5 58.00 81.46 -19.70
C ASN C 5 57.19 81.28 -18.42
N ARG C 6 56.88 82.39 -17.75
CA ARG C 6 56.09 82.36 -16.52
C ARG C 6 54.74 81.70 -16.85
N ASP C 7 54.23 82.00 -18.09
CA ASP C 7 52.98 81.32 -18.49
C ASP C 7 53.07 79.83 -18.74
N LEU C 8 54.10 79.37 -19.51
CA LEU C 8 54.16 77.92 -19.81
C LEU C 8 54.58 77.07 -18.59
N GLN C 9 55.42 77.61 -17.70
CA GLN C 9 55.83 76.94 -16.46
C GLN C 9 54.63 76.84 -15.51
N ALA C 10 53.88 77.96 -15.39
CA ALA C 10 52.62 77.93 -14.64
C ALA C 10 51.68 76.85 -15.16
N ASP C 11 51.57 76.70 -16.49
CA ASP C 11 50.67 75.67 -17.09
C ASP C 11 51.18 74.20 -17.14
N ASN C 12 52.50 74.00 -17.17
CA ASN C 12 53.10 72.66 -17.04
C ASN C 12 53.02 72.15 -15.62
N GLN C 13 53.02 73.05 -14.65
CA GLN C 13 52.83 72.64 -13.25
C GLN C 13 51.39 72.15 -13.06
N ARG C 14 50.41 72.88 -13.57
CA ARG C 14 49.00 72.41 -13.52
C ARG C 14 48.88 71.05 -14.14
N LEU C 15 49.50 70.83 -15.30
CA LEU C 15 49.44 69.49 -15.90
C LEU C 15 50.10 68.46 -14.98
N LYS C 16 51.23 68.79 -14.34
CA LYS C 16 51.91 67.79 -13.47
C LYS C 16 50.99 67.29 -12.33
N TYR C 17 50.29 68.20 -11.70
CA TYR C 17 49.25 67.82 -10.76
C TYR C 17 48.14 66.98 -11.33
N GLU C 18 47.70 67.33 -12.53
CA GLU C 18 46.66 66.58 -13.21
C GLU C 18 47.15 65.19 -13.44
N VAL C 19 48.38 65.05 -13.93
CA VAL C 19 48.94 63.73 -14.10
C VAL C 19 48.91 63.01 -12.73
N GLU C 20 49.47 63.66 -11.69
CA GLU C 20 49.58 63.05 -10.36
C GLU C 20 48.23 62.42 -9.93
N ALA C 21 47.15 63.18 -10.09
CA ALA C 21 45.82 62.79 -9.63
C ALA C 21 45.17 61.73 -10.53
N LEU C 22 45.47 61.75 -11.83
CA LEU C 22 45.04 60.64 -12.72
C LEU C 22 45.78 59.34 -12.37
N LYS C 23 47.06 59.42 -12.04
CA LYS C 23 47.79 58.24 -11.58
C LYS C 23 47.22 57.65 -10.27
N GLU C 24 46.62 58.50 -9.44
CA GLU C 24 45.97 58.02 -8.23
C GLU C 24 44.59 57.42 -8.46
N LYS C 25 43.82 58.02 -9.37
CA LYS C 25 42.54 57.48 -9.83
C LYS C 25 42.75 56.13 -10.52
N LEU C 26 43.82 56.00 -11.30
CA LEU C 26 44.12 54.75 -11.97
C LEU C 26 44.48 53.71 -10.94
N GLU C 27 45.11 54.16 -9.85
CA GLU C 27 45.45 53.26 -8.75
C GLU C 27 44.30 52.84 -7.81
N HIS C 28 43.38 53.74 -7.51
CA HIS C 28 42.09 53.38 -6.94
C HIS C 28 41.63 52.19 -7.80
N GLN C 29 41.43 52.44 -9.09
CA GLN C 29 40.89 51.43 -10.01
C GLN C 29 41.63 50.10 -10.07
N TYR C 30 42.94 50.16 -10.29
CA TYR C 30 43.76 48.98 -10.45
C TYR C 30 43.66 48.03 -9.26
N ALA C 31 43.29 48.61 -8.11
CA ALA C 31 43.19 47.91 -6.83
C ALA C 31 41.79 47.35 -6.62
N GLN C 32 40.79 48.10 -7.10
CA GLN C 32 39.41 47.67 -7.02
C GLN C 32 39.22 46.45 -7.92
N SER C 33 39.82 46.47 -9.10
CA SER C 33 39.61 45.35 -10.03
C SER C 33 40.42 44.10 -9.64
N TYR C 34 41.58 44.30 -9.02
CA TYR C 34 42.37 43.21 -8.47
C TYR C 34 41.56 42.34 -7.47
N LYS C 35 40.86 43.01 -6.56
CA LYS C 35 39.93 42.34 -5.66
C LYS C 35 38.76 41.62 -6.39
N GLN C 36 38.10 42.33 -7.30
CA GLN C 36 36.98 41.76 -8.10
C GLN C 36 37.37 40.50 -8.85
N VAL C 37 38.56 40.53 -9.44
CA VAL C 37 39.13 39.35 -10.12
C VAL C 37 39.24 38.14 -9.17
N SER C 38 39.70 38.43 -7.96
CA SER C 38 39.85 37.45 -6.92
C SER C 38 38.49 36.85 -6.55
N VAL C 39 37.47 37.71 -6.37
CA VAL C 39 36.12 37.25 -6.06
C VAL C 39 35.57 36.45 -7.23
N LEU C 40 35.89 36.88 -8.46
CA LEU C 40 35.41 36.20 -9.66
C LEU C 40 35.99 34.82 -9.82
N GLU C 41 37.25 34.68 -9.46
CA GLU C 41 37.91 33.40 -9.46
C GLU C 41 37.24 32.51 -8.41
N ASP C 42 36.99 33.06 -7.22
CA ASP C 42 36.37 32.31 -6.15
C ASP C 42 34.94 31.93 -6.52
N ASP C 43 34.21 32.86 -7.11
CA ASP C 43 32.85 32.56 -7.61
C ASP C 43 32.84 31.38 -8.61
N LEU C 44 33.82 31.39 -9.53
CA LEU C 44 33.96 30.27 -10.43
C LEU C 44 34.20 28.89 -9.74
N SER C 45 35.10 28.85 -8.77
CA SER C 45 35.33 27.62 -8.07
C SER C 45 34.06 27.14 -7.29
N GLN C 46 33.42 28.04 -6.56
CA GLN C 46 32.18 27.70 -5.84
C GLN C 46 31.03 27.27 -6.83
N THR C 47 30.87 27.90 -7.99
CA THR C 47 29.78 27.58 -8.95
C THR C 47 30.01 26.14 -9.48
N ARG C 48 31.26 25.85 -9.82
CA ARG C 48 31.67 24.49 -10.18
C ARG C 48 31.35 23.48 -9.07
N ALA C 49 31.69 23.78 -7.81
CA ALA C 49 31.35 22.89 -6.68
C ALA C 49 29.82 22.69 -6.57
N ILE C 50 29.07 23.78 -6.68
CA ILE C 50 27.61 23.69 -6.65
C ILE C 50 27.01 22.88 -7.83
N LYS C 51 27.48 23.10 -9.06
CA LYS C 51 26.99 22.19 -10.09
C LYS C 51 27.31 20.71 -9.90
N GLU C 52 28.47 20.36 -9.36
CA GLU C 52 28.77 18.98 -9.04
C GLU C 52 27.81 18.49 -7.96
N GLN C 53 27.49 19.30 -6.97
CA GLN C 53 26.51 18.88 -5.98
C GLN C 53 25.12 18.76 -6.61
N LEU C 54 24.79 19.64 -7.54
CA LEU C 54 23.51 19.57 -8.18
C LEU C 54 23.44 18.29 -9.01
N HIS C 55 24.56 17.86 -9.57
CA HIS C 55 24.60 16.66 -10.34
C HIS C 55 24.34 15.44 -9.42
N LYS C 56 24.97 15.42 -8.26
CA LYS C 56 24.72 14.34 -7.30
C LYS C 56 23.26 14.30 -6.82
N TYR C 57 22.65 15.46 -6.66
CA TYR C 57 21.24 15.59 -6.30
C TYR C 57 20.36 14.96 -7.35
N VAL C 58 20.58 15.23 -8.62
CA VAL C 58 19.78 14.62 -9.66
C VAL C 58 19.95 13.05 -9.68
N ARG C 59 21.17 12.55 -9.47
CA ARG C 59 21.41 11.09 -9.35
C ARG C 59 20.59 10.46 -8.19
N GLU C 60 20.52 11.15 -7.06
CA GLU C 60 19.72 10.67 -5.92
C GLU C 60 18.22 10.65 -6.18
N LEU C 61 17.67 11.75 -6.72
CA LEU C 61 16.29 11.83 -7.15
C LEU C 61 15.95 10.70 -8.08
N GLU C 62 16.84 10.46 -9.02
CA GLU C 62 16.67 9.41 -10.04
C GLU C 62 16.67 8.07 -9.37
N GLN C 63 17.52 7.85 -8.38
CA GLN C 63 17.47 6.58 -7.64
C GLN C 63 16.22 6.44 -6.75
N ALA C 64 15.84 7.53 -6.12
CA ALA C 64 14.64 7.58 -5.31
C ALA C 64 13.44 7.20 -6.15
N ASN C 65 13.32 7.75 -7.36
CA ASN C 65 12.23 7.34 -8.26
C ASN C 65 12.29 5.83 -8.63
N ASP C 66 13.51 5.34 -8.89
CA ASP C 66 13.70 3.89 -9.08
C ASP C 66 13.14 3.11 -7.89
N ASP C 67 13.52 3.53 -6.69
CA ASP C 67 13.07 2.79 -5.49
C ASP C 67 11.54 2.93 -5.29
N LEU C 68 10.96 4.04 -5.72
CA LEU C 68 9.51 4.21 -5.53
C LEU C 68 8.73 3.24 -6.46
N GLU C 69 9.20 3.10 -7.70
CA GLU C 69 8.66 2.12 -8.61
C GLU C 69 8.77 0.70 -7.96
N ARG C 70 9.93 0.42 -7.38
CA ARG C 70 10.15 -0.80 -6.58
C ARG C 70 9.02 -0.99 -5.53
N ALA C 71 8.65 0.07 -4.83
CA ALA C 71 7.71 -0.08 -3.73
C ALA C 71 6.27 -0.24 -4.24
N LYS C 72 6.01 0.36 -5.41
CA LYS C 72 4.71 0.27 -6.07
C LYS C 72 4.52 -1.24 -6.36
N ARG C 73 5.48 -1.83 -7.08
CA ARG C 73 5.44 -3.25 -7.44
C ARG C 73 5.23 -4.22 -6.28
N ALA C 74 6.03 -4.02 -5.24
CA ALA C 74 5.98 -4.85 -4.03
C ALA C 74 4.63 -4.70 -3.28
N THR C 75 4.05 -3.53 -3.30
CA THR C 75 2.75 -3.32 -2.69
C THR C 75 1.68 -4.00 -3.54
N ILE C 76 1.60 -3.64 -4.81
CA ILE C 76 0.63 -4.24 -5.75
C ILE C 76 0.70 -5.81 -5.80
N VAL C 77 1.89 -6.34 -6.03
CA VAL C 77 2.09 -7.81 -6.09
C VAL C 77 1.65 -8.54 -4.81
N SER C 78 2.06 -8.04 -3.63
CA SER C 78 1.77 -8.73 -2.35
C SER C 78 0.29 -8.67 -2.05
N LEU C 79 -0.36 -7.55 -2.36
CA LEU C 79 -1.81 -7.49 -2.22
C LEU C 79 -2.54 -8.30 -3.23
N GLU C 80 -2.03 -8.42 -4.46
CA GLU C 80 -2.65 -9.35 -5.46
C GLU C 80 -2.60 -10.85 -5.03
N ASP C 81 -1.50 -11.21 -4.37
CA ASP C 81 -1.28 -12.55 -3.84
C ASP C 81 -2.27 -12.75 -2.66
N PHE C 82 -2.45 -11.76 -1.80
CA PHE C 82 -3.52 -11.85 -0.76
C PHE C 82 -4.90 -12.08 -1.39
N GLU C 83 -5.30 -11.22 -2.32
CA GLU C 83 -6.57 -11.39 -3.02
C GLU C 83 -6.80 -12.78 -3.59
N GLN C 84 -5.76 -13.45 -4.10
CA GLN C 84 -5.93 -14.77 -4.69
C GLN C 84 -6.23 -15.81 -3.62
N ARG C 85 -5.61 -15.67 -2.46
CA ARG C 85 -5.99 -16.49 -1.31
C ARG C 85 -7.38 -16.14 -0.76
N LEU C 86 -7.73 -14.84 -0.74
CA LEU C 86 -9.05 -14.44 -0.26
C LEU C 86 -10.13 -15.00 -1.21
N ASN C 87 -9.89 -14.87 -2.50
CA ASN C 87 -10.86 -15.36 -3.49
C ASN C 87 -11.08 -16.88 -3.36
N GLN C 88 -10.01 -17.60 -3.09
CA GLN C 88 -10.03 -19.03 -2.82
C GLN C 88 -10.93 -19.41 -1.61
N ALA C 89 -10.87 -18.63 -0.52
CA ALA C 89 -11.71 -18.93 0.68
C ALA C 89 -13.19 -18.65 0.30
N ILE C 90 -13.44 -17.46 -0.29
CA ILE C 90 -14.74 -17.07 -0.70
C ILE C 90 -15.33 -18.17 -1.60
N GLU C 91 -14.53 -18.73 -2.52
CA GLU C 91 -15.00 -19.85 -3.39
C GLU C 91 -15.40 -21.09 -2.59
N ARG C 92 -14.57 -21.38 -1.59
CA ARG C 92 -14.84 -22.49 -0.65
C ARG C 92 -16.14 -22.21 0.09
N ASN C 93 -16.37 -20.98 0.50
CA ASN C 93 -17.64 -20.61 1.17
C ASN C 93 -18.89 -20.84 0.28
N ALA C 94 -18.77 -20.39 -0.98
CA ALA C 94 -19.83 -20.53 -1.99
C ALA C 94 -20.17 -21.98 -2.14
N PHE C 95 -19.13 -22.79 -2.18
CA PHE C 95 -19.36 -24.22 -2.30
C PHE C 95 -20.03 -24.88 -1.06
N LEU C 96 -19.60 -24.54 0.14
CA LEU C 96 -20.32 -24.89 1.39
C LEU C 96 -21.80 -24.62 1.30
N GLU C 97 -22.16 -23.39 0.91
CA GLU C 97 -23.54 -23.00 0.77
C GLU C 97 -24.28 -23.89 -0.22
N SER C 98 -23.61 -24.29 -1.30
CA SER C 98 -24.24 -25.13 -2.32
C SER C 98 -24.47 -26.52 -1.76
N GLU C 99 -23.51 -27.03 -0.97
CA GLU C 99 -23.67 -28.35 -0.30
C GLU C 99 -24.77 -28.33 0.74
N LEU C 100 -24.85 -27.26 1.53
CA LEU C 100 -25.97 -27.12 2.51
C LEU C 100 -27.38 -27.09 1.87
N ASP C 101 -27.47 -26.49 0.69
CA ASP C 101 -28.78 -26.51 -0.04
C ASP C 101 -29.08 -27.88 -0.58
N GLU C 102 -28.06 -28.66 -0.91
CA GLU C 102 -28.19 -30.03 -1.38
C GLU C 102 -28.75 -30.84 -0.22
N LYS C 103 -28.20 -30.58 0.95
CA LYS C 103 -28.65 -31.24 2.18
C LYS C 103 -30.04 -30.82 2.60
N GLU C 104 -30.37 -29.54 2.46
CA GLU C 104 -31.71 -29.06 2.79
C GLU C 104 -32.76 -29.78 1.96
N SER C 105 -32.47 -29.92 0.66
CA SER C 105 -33.30 -30.66 -0.29
C SER C 105 -33.57 -32.09 0.14
N LEU C 106 -32.51 -32.75 0.63
CA LEU C 106 -32.60 -34.13 1.13
C LEU C 106 -33.61 -34.25 2.29
N LEU C 107 -33.49 -33.34 3.25
CA LEU C 107 -34.26 -33.39 4.47
C LEU C 107 -35.70 -32.84 4.44
N VAL C 108 -36.08 -32.06 3.41
CA VAL C 108 -37.37 -31.35 3.39
C VAL C 108 -38.46 -32.35 3.09
N SER C 109 -38.02 -33.46 2.53
CA SER C 109 -38.85 -34.57 2.17
C SER C 109 -39.20 -35.39 3.44
N VAL C 110 -38.47 -35.23 4.53
CA VAL C 110 -38.76 -36.01 5.73
C VAL C 110 -40.12 -35.65 6.36
N GLN C 111 -40.88 -36.65 6.82
CA GLN C 111 -42.20 -36.36 7.45
C GLN C 111 -42.76 -37.44 8.40
N ALA D 1 -61.41 -86.20 22.64
CA ALA D 1 -62.09 -84.89 22.85
C ALA D 1 -61.48 -84.02 23.97
N GLU D 2 -60.89 -84.68 24.96
CA GLU D 2 -60.00 -84.04 25.93
C GLU D 2 -58.70 -83.64 25.21
N GLN D 3 -58.12 -84.58 24.44
CA GLN D 3 -56.85 -84.37 23.72
C GLN D 3 -57.04 -83.21 22.73
N ARG D 4 -58.22 -83.16 22.13
CA ARG D 4 -58.55 -82.10 21.17
C ARG D 4 -58.59 -80.74 21.83
N ASN D 5 -59.11 -80.67 23.05
CA ASN D 5 -59.15 -79.41 23.78
C ASN D 5 -57.80 -78.96 24.23
N ARG D 6 -56.95 -79.94 24.61
CA ARG D 6 -55.56 -79.67 24.95
C ARG D 6 -54.74 -79.16 23.77
N ASP D 7 -54.96 -79.75 22.59
CA ASP D 7 -54.22 -79.33 21.41
C ASP D 7 -54.53 -77.90 21.08
N LEU D 8 -55.81 -77.54 21.11
CA LEU D 8 -56.27 -76.19 20.76
C LEU D 8 -55.87 -75.17 21.76
N GLN D 9 -55.84 -75.57 23.03
CA GLN D 9 -55.48 -74.64 24.07
C GLN D 9 -54.03 -74.25 23.89
N ALA D 10 -53.17 -75.22 23.51
CA ALA D 10 -51.71 -75.01 23.35
C ALA D 10 -51.45 -74.17 22.14
N ASP D 11 -52.13 -74.47 21.02
CA ASP D 11 -52.22 -73.54 19.86
C ASP D 11 -52.62 -72.15 20.27
N ASN D 12 -53.67 -72.02 21.06
CA ASN D 12 -54.13 -70.68 21.43
C ASN D 12 -53.10 -69.96 22.32
N GLN D 13 -52.40 -70.66 23.22
CA GLN D 13 -51.31 -70.05 23.99
C GLN D 13 -50.12 -69.64 23.11
N ARG D 14 -49.75 -70.44 22.09
CA ARG D 14 -48.62 -70.00 21.23
C ARG D 14 -49.05 -68.82 20.43
N LEU D 15 -50.30 -68.78 19.96
CA LEU D 15 -50.81 -67.57 19.23
C LEU D 15 -50.85 -66.33 20.14
N LYS D 16 -51.38 -66.46 21.35
CA LYS D 16 -51.35 -65.30 22.24
C LYS D 16 -49.89 -64.75 22.51
N TYR D 17 -48.90 -65.62 22.69
CA TYR D 17 -47.51 -65.17 22.78
C TYR D 17 -47.06 -64.41 21.52
N GLU D 18 -47.34 -65.00 20.35
CA GLU D 18 -46.99 -64.35 19.09
C GLU D 18 -47.61 -62.97 18.99
N VAL D 19 -48.87 -62.83 19.39
CA VAL D 19 -49.52 -61.55 19.42
C VAL D 19 -48.76 -60.51 20.34
N GLU D 20 -48.36 -60.87 21.58
CA GLU D 20 -47.70 -59.91 22.48
C GLU D 20 -46.38 -59.42 21.84
N ALA D 21 -45.55 -60.36 21.40
CA ALA D 21 -44.24 -60.13 20.76
C ALA D 21 -44.37 -59.37 19.47
N LEU D 22 -45.45 -59.56 18.71
CA LEU D 22 -45.66 -58.68 17.53
C LEU D 22 -45.97 -57.25 17.91
N LYS D 23 -46.79 -57.08 18.96
CA LYS D 23 -47.20 -55.74 19.37
C LYS D 23 -46.02 -54.97 20.02
N GLU D 24 -45.21 -55.72 20.71
CA GLU D 24 -43.98 -55.24 21.34
C GLU D 24 -43.00 -54.80 20.27
N LYS D 25 -42.91 -55.58 19.20
CA LYS D 25 -42.03 -55.16 18.12
C LYS D 25 -42.49 -53.93 17.42
N LEU D 26 -43.80 -53.79 17.27
CA LEU D 26 -44.36 -52.70 16.51
C LEU D 26 -44.12 -51.35 17.23
N GLU D 27 -44.43 -51.35 18.53
CA GLU D 27 -44.14 -50.27 19.44
C GLU D 27 -42.72 -49.79 19.43
N HIS D 28 -41.79 -50.72 19.62
CA HIS D 28 -40.39 -50.40 19.78
C HIS D 28 -39.91 -49.86 18.40
N GLN D 29 -40.40 -50.38 17.30
CA GLN D 29 -40.07 -49.83 15.98
C GLN D 29 -40.71 -48.49 15.71
N TYR D 30 -41.97 -48.33 16.10
CA TYR D 30 -42.60 -47.06 16.02
C TYR D 30 -41.72 -46.03 16.73
N ALA D 31 -41.34 -46.34 17.97
CA ALA D 31 -40.63 -45.39 18.82
C ALA D 31 -39.26 -45.01 18.22
N GLN D 32 -38.53 -45.98 17.68
CA GLN D 32 -37.24 -45.72 17.03
C GLN D 32 -37.29 -44.85 15.77
N SER D 33 -38.18 -45.20 14.82
CA SER D 33 -38.52 -44.32 13.70
C SER D 33 -38.92 -42.94 14.14
N TYR D 34 -39.71 -42.84 15.21
CA TYR D 34 -40.16 -41.53 15.64
C TYR D 34 -38.94 -40.64 16.03
N LYS D 35 -37.99 -41.25 16.74
CA LYS D 35 -36.81 -40.56 17.29
C LYS D 35 -35.80 -40.11 16.17
N GLN D 36 -35.61 -40.99 15.18
CA GLN D 36 -34.96 -40.66 13.89
C GLN D 36 -35.54 -39.50 13.16
N VAL D 37 -36.86 -39.48 12.97
CA VAL D 37 -37.46 -38.32 12.29
C VAL D 37 -37.24 -37.00 13.05
N SER D 38 -37.27 -37.06 14.37
CA SER D 38 -37.06 -35.82 15.17
C SER D 38 -35.66 -35.28 14.89
N VAL D 39 -34.66 -36.15 15.02
CA VAL D 39 -33.30 -35.86 14.63
C VAL D 39 -33.16 -35.15 13.26
N LEU D 40 -33.75 -35.70 12.21
CA LEU D 40 -33.71 -35.13 10.85
C LEU D 40 -34.44 -33.80 10.69
N GLU D 41 -35.60 -33.64 11.32
CA GLU D 41 -36.24 -32.37 11.39
C GLU D 41 -35.36 -31.33 12.12
N ASP D 42 -34.73 -31.75 13.20
CA ASP D 42 -33.83 -30.84 13.88
C ASP D 42 -32.65 -30.47 12.95
N ASP D 43 -32.24 -31.42 12.12
CA ASP D 43 -31.08 -31.19 11.27
C ASP D 43 -31.46 -30.25 10.14
N LEU D 44 -32.74 -30.32 9.74
CA LEU D 44 -33.24 -29.36 8.75
C LEU D 44 -33.15 -27.92 9.22
N SER D 45 -33.75 -27.58 10.36
CA SER D 45 -33.70 -26.20 10.83
C SER D 45 -32.24 -25.81 11.08
N GLN D 46 -31.42 -26.72 11.66
CA GLN D 46 -30.01 -26.37 11.86
C GLN D 46 -29.27 -26.02 10.51
N THR D 47 -29.48 -26.79 9.44
CA THR D 47 -28.84 -26.60 8.14
C THR D 47 -29.19 -25.20 7.57
N ARG D 48 -30.49 -24.87 7.64
CA ARG D 48 -31.02 -23.60 7.25
C ARG D 48 -30.33 -22.50 8.06
N ALA D 49 -30.12 -22.69 9.37
CA ALA D 49 -29.43 -21.63 10.12
C ALA D 49 -27.96 -21.49 9.63
N ILE D 50 -27.25 -22.60 9.51
CA ILE D 50 -25.84 -22.62 9.07
C ILE D 50 -25.68 -21.93 7.70
N LYS D 51 -26.48 -22.31 6.71
CA LYS D 51 -26.42 -21.64 5.44
C LYS D 51 -26.66 -20.10 5.54
N GLU D 52 -27.67 -19.67 6.32
CA GLU D 52 -27.90 -18.25 6.51
C GLU D 52 -26.73 -17.52 7.19
N GLN D 53 -26.08 -18.12 8.20
CA GLN D 53 -24.89 -17.56 8.85
C GLN D 53 -23.71 -17.40 7.87
N LEU D 54 -23.41 -18.45 7.10
CA LEU D 54 -22.28 -18.38 6.18
C LEU D 54 -22.49 -17.24 5.12
N HIS D 55 -23.73 -17.06 4.67
CA HIS D 55 -24.12 -15.97 3.77
C HIS D 55 -23.85 -14.60 4.40
N LYS D 56 -24.33 -14.41 5.60
CA LYS D 56 -24.17 -13.15 6.31
C LYS D 56 -22.67 -12.85 6.51
N TYR D 57 -21.93 -13.85 6.94
CA TYR D 57 -20.59 -13.61 7.45
C TYR D 57 -19.53 -13.54 6.34
N VAL D 58 -19.78 -14.21 5.21
CA VAL D 58 -18.97 -13.95 4.02
C VAL D 58 -19.16 -12.54 3.54
N ARG D 59 -20.36 -11.97 3.63
CA ARG D 59 -20.61 -10.58 3.26
C ARG D 59 -19.66 -9.67 4.05
N GLU D 60 -19.36 -10.01 5.29
CA GLU D 60 -18.53 -9.10 6.07
C GLU D 60 -17.07 -9.07 5.60
N LEU D 61 -16.62 -10.16 5.00
CA LEU D 61 -15.28 -10.21 4.40
C LEU D 61 -15.17 -9.47 3.07
N GLU D 62 -16.21 -9.57 2.25
CA GLU D 62 -16.17 -8.86 0.99
C GLU D 62 -16.23 -7.34 1.24
N GLN D 63 -16.86 -6.93 2.34
CA GLN D 63 -17.01 -5.55 2.72
C GLN D 63 -15.67 -5.00 3.22
N ALA D 64 -14.93 -5.77 4.03
CA ALA D 64 -13.59 -5.35 4.48
C ALA D 64 -12.65 -5.28 3.25
N ASN D 65 -12.82 -6.23 2.32
CA ASN D 65 -12.11 -6.22 1.06
C ASN D 65 -12.38 -4.99 0.23
N ASP D 66 -13.65 -4.62 0.05
CA ASP D 66 -14.01 -3.37 -0.54
C ASP D 66 -13.22 -2.23 0.15
N ASP D 67 -13.22 -2.18 1.48
CA ASP D 67 -12.54 -1.07 2.15
C ASP D 67 -11.00 -1.16 1.88
N LEU D 68 -10.42 -2.36 1.87
CA LEU D 68 -9.02 -2.53 1.53
C LEU D 68 -8.64 -2.01 0.12
N GLU D 69 -9.42 -2.36 -0.89
CA GLU D 69 -9.11 -2.02 -2.26
C GLU D 69 -9.13 -0.53 -2.44
N ARG D 70 -10.10 0.15 -1.81
CA ARG D 70 -10.22 1.59 -1.82
C ARG D 70 -8.91 2.24 -1.30
N ALA D 71 -8.44 1.75 -0.14
CA ALA D 71 -7.24 2.30 0.49
C ALA D 71 -6.03 2.04 -0.39
N LYS D 72 -5.92 0.83 -0.94
CA LYS D 72 -4.87 0.45 -1.85
C LYS D 72 -4.90 1.35 -3.09
N ARG D 73 -6.10 1.60 -3.67
CA ARG D 73 -6.13 2.44 -4.86
C ARG D 73 -5.62 3.82 -4.56
N ALA D 74 -5.91 4.34 -3.37
CA ALA D 74 -5.45 5.70 -2.95
C ALA D 74 -3.93 5.74 -2.76
N THR D 75 -3.37 4.62 -2.29
CA THR D 75 -1.92 4.46 -2.17
C THR D 75 -1.28 4.46 -3.52
N ILE D 76 -1.82 3.74 -4.48
CA ILE D 76 -1.23 3.82 -5.83
C ILE D 76 -1.28 5.24 -6.40
N VAL D 77 -2.42 5.91 -6.26
CA VAL D 77 -2.55 7.26 -6.80
C VAL D 77 -1.48 8.16 -6.20
N SER D 78 -1.29 8.06 -4.89
CA SER D 78 -0.31 8.89 -4.24
C SER D 78 1.12 8.56 -4.67
N LEU D 79 1.39 7.27 -4.84
CA LEU D 79 2.66 6.79 -5.33
C LEU D 79 2.91 7.40 -6.67
N GLU D 80 1.93 7.30 -7.57
CA GLU D 80 2.01 7.84 -8.93
C GLU D 80 2.07 9.34 -8.97
N ASP D 81 1.39 10.00 -8.05
CA ASP D 81 1.57 11.46 -7.97
C ASP D 81 3.04 11.83 -7.69
N PHE D 82 3.61 11.11 -6.74
CA PHE D 82 4.97 11.27 -6.24
C PHE D 82 6.04 10.99 -7.32
N GLU D 83 5.86 9.89 -8.08
CA GLU D 83 6.64 9.64 -9.27
C GLU D 83 6.63 10.82 -10.23
N GLN D 84 5.44 11.40 -10.50
CA GLN D 84 5.38 12.61 -11.36
C GLN D 84 6.21 13.78 -10.80
N ARG D 85 6.05 14.03 -9.52
CA ARG D 85 6.85 15.07 -8.88
C ARG D 85 8.37 14.81 -8.93
N LEU D 86 8.78 13.55 -8.79
CA LEU D 86 10.17 13.24 -8.91
C LEU D 86 10.67 13.43 -10.34
N ASN D 87 9.90 13.02 -11.35
CA ASN D 87 10.25 13.28 -12.76
C ASN D 87 10.44 14.75 -13.04
N GLN D 88 9.50 15.53 -12.53
CA GLN D 88 9.56 16.97 -12.66
C GLN D 88 10.75 17.61 -11.91
N ALA D 89 11.03 17.23 -10.63
CA ALA D 89 12.26 17.63 -9.94
C ALA D 89 13.51 17.36 -10.77
N ILE D 90 13.55 16.20 -11.43
CA ILE D 90 14.70 15.86 -12.29
C ILE D 90 14.85 16.83 -13.45
N GLU D 91 13.77 17.00 -14.22
CA GLU D 91 13.76 18.01 -15.26
C GLU D 91 14.12 19.46 -14.78
N ARG D 92 13.57 19.94 -13.67
CA ARG D 92 13.92 21.26 -13.15
C ARG D 92 15.40 21.31 -12.86
N ASN D 93 15.89 20.23 -12.31
CA ASN D 93 17.27 20.28 -11.90
C ASN D 93 18.22 20.32 -13.10
N ALA D 94 17.91 19.54 -14.11
CA ALA D 94 18.54 19.65 -15.41
C ALA D 94 18.61 21.08 -15.97
N PHE D 95 17.53 21.81 -15.86
CA PHE D 95 17.50 23.18 -16.29
C PHE D 95 18.37 24.14 -15.44
N LEU D 96 18.40 23.91 -14.13
CA LEU D 96 19.31 24.58 -13.21
C LEU D 96 20.76 24.28 -13.59
N GLU D 97 21.05 23.04 -13.95
CA GLU D 97 22.41 22.71 -14.34
C GLU D 97 22.83 23.56 -15.55
N SER D 98 22.04 23.52 -16.61
CA SER D 98 22.28 24.31 -17.81
C SER D 98 22.48 25.76 -17.50
N GLU D 99 21.67 26.30 -16.58
CA GLU D 99 21.80 27.72 -16.22
C GLU D 99 23.09 28.08 -15.42
N LEU D 100 23.58 27.10 -14.68
CA LEU D 100 24.84 27.25 -13.96
C LEU D 100 26.03 27.08 -14.91
N ASP D 101 25.91 26.12 -15.87
CA ASP D 101 26.77 26.11 -17.07
C ASP D 101 26.83 27.50 -17.72
N GLU D 102 25.69 28.17 -17.85
CA GLU D 102 25.61 29.53 -18.42
C GLU D 102 26.33 30.62 -17.60
N LYS D 103 26.16 30.56 -16.29
CA LYS D 103 26.92 31.45 -15.38
C LYS D 103 28.41 31.19 -15.44
N GLU D 104 28.82 29.95 -15.48
CA GLU D 104 30.23 29.66 -15.56
C GLU D 104 30.84 30.23 -16.81
N SER D 105 30.20 30.02 -17.94
CA SER D 105 30.83 30.50 -19.19
C SER D 105 30.86 32.03 -19.14
N LEU D 106 29.90 32.60 -18.42
CA LEU D 106 29.88 34.04 -18.25
C LEU D 106 31.11 34.47 -17.37
N LEU D 107 31.35 33.71 -16.27
CA LEU D 107 32.47 33.94 -15.35
C LEU D 107 33.84 33.82 -16.02
N VAL D 108 34.05 32.71 -16.70
CA VAL D 108 35.09 32.48 -17.69
C VAL D 108 35.19 33.61 -18.73
N SER D 109 34.11 34.28 -19.11
CA SER D 109 34.23 35.34 -20.13
C SER D 109 34.63 36.74 -19.63
N VAL D 110 34.49 37.01 -18.33
CA VAL D 110 34.65 38.39 -17.86
C VAL D 110 35.82 38.54 -16.86
N GLN D 111 36.66 37.51 -16.87
CA GLN D 111 37.66 37.29 -15.84
C GLN D 111 39.06 37.44 -16.46
HG HG E . -23.41 -43.38 5.30
HG HG F . -35.75 -23.43 11.40
#